data_4GYG
#
_entry.id   4GYG
#
_cell.length_a   117.398
_cell.length_b   117.398
_cell.length_c   71.291
_cell.angle_alpha   90.00
_cell.angle_beta   90.00
_cell.angle_gamma   120.00
#
_symmetry.space_group_name_H-M   'H 3'
#
loop_
_entity.id
_entity.type
_entity.pdbx_description
1 polymer 'Rio2 kinase'
2 water water
#
_entity_poly.entity_id   1
_entity_poly.type   'polypeptide(L)'
_entity_poly.pdbx_seq_one_letter_code
;SMKLDTRAMRHLTAEDWRVLTAVEMGSKNHEIVPTPLIEKIARLRGGSSGVHKSIATLAKAGLIARMKEAKYDGYRLTYG
GLDYLALHTHAARKDVYSVGSRIGVGKESDIMIVADEKGKQKVLKIHRLGRISFRTVKANRDYLRNRSTGSWMYLSRLAA
IKEFAFMKALYEEGFPVPEPIAQSRHTIVMSLVDALPMRQVSSVPDPASLYADLIALILRLAKHGLIHGDFNEFNILIRE
EKDAEDPSSITLTPIIIDFPQMVSMDHPNAEMYFDRDVQCIKRFFERRFHFVSTTPGPFYKDAKKTVGKDGAKRLDAALE
ASGFTKKMAKDLEAAIREQQESRNDEEDSDDYEEDSDKEKASNEDTDVDDGRLQVIGDHVQLGTEGDLKKLTINDGT
;
_entity_poly.pdbx_strand_id   A
#
# COMPACT_ATOMS: atom_id res chain seq x y z
N LYS A 3 10.08 14.84 -0.46
CA LYS A 3 9.82 13.76 -1.40
C LYS A 3 10.90 12.68 -1.32
N LEU A 4 10.92 11.76 -2.28
CA LEU A 4 12.00 10.77 -2.33
C LEU A 4 13.04 11.10 -3.40
N ASP A 5 14.22 11.43 -2.92
CA ASP A 5 15.36 11.77 -3.74
C ASP A 5 16.32 10.58 -3.78
N THR A 6 16.31 9.84 -4.88
CA THR A 6 17.15 8.66 -5.00
C THR A 6 18.51 8.95 -5.64
N ARG A 7 18.91 10.21 -5.71
CA ARG A 7 20.18 10.58 -6.33
C ARG A 7 21.41 9.86 -5.75
N ALA A 8 21.51 9.79 -4.42
CA ALA A 8 22.70 9.27 -3.73
C ALA A 8 22.86 7.76 -3.82
N MET A 9 21.83 7.11 -4.37
CA MET A 9 21.72 5.66 -4.44
C MET A 9 22.98 4.93 -4.92
N ARG A 10 23.41 5.23 -6.15
CA ARG A 10 24.57 4.57 -6.72
C ARG A 10 25.86 4.98 -6.02
N HIS A 11 25.81 6.11 -5.34
CA HIS A 11 27.03 6.69 -4.79
C HIS A 11 27.42 6.11 -3.44
N LEU A 12 26.65 5.14 -2.95
CA LEU A 12 26.93 4.52 -1.66
C LEU A 12 27.74 3.25 -1.85
N THR A 13 28.68 3.02 -0.93
CA THR A 13 29.58 1.88 -1.00
C THR A 13 28.94 0.67 -0.32
N ALA A 14 29.59 -0.49 -0.42
CA ALA A 14 29.09 -1.71 0.23
C ALA A 14 29.11 -1.54 1.74
N GLU A 15 30.18 -0.92 2.24
CA GLU A 15 30.30 -0.55 3.65
C GLU A 15 29.12 0.34 4.08
N ASP A 16 28.81 1.34 3.26
CA ASP A 16 27.64 2.18 3.49
C ASP A 16 26.38 1.33 3.63
N TRP A 17 26.14 0.43 2.68
CA TRP A 17 24.97 -0.44 2.73
C TRP A 17 24.97 -1.34 3.95
N ARG A 18 26.17 -1.73 4.39
CA ARG A 18 26.30 -2.49 5.61
C ARG A 18 25.98 -1.65 6.86
N VAL A 19 26.49 -0.42 6.91
CA VAL A 19 26.32 0.43 8.10
C VAL A 19 24.89 0.92 8.24
N LEU A 20 24.28 1.30 7.11
CA LEU A 20 22.88 1.70 7.09
C LEU A 20 21.97 0.55 7.56
N THR A 21 22.30 -0.66 7.12
CA THR A 21 21.56 -1.86 7.53
C THR A 21 21.72 -2.07 9.03
N ALA A 22 22.90 -1.75 9.54
CA ALA A 22 23.17 -1.88 10.97
C ALA A 22 22.35 -0.89 11.77
N VAL A 23 22.20 0.33 11.26
CA VAL A 23 21.39 1.33 11.94
C VAL A 23 19.96 0.80 12.04
N GLU A 24 19.51 0.16 10.97
CA GLU A 24 18.16 -0.37 10.92
C GLU A 24 17.96 -1.46 11.96
N MET A 25 18.82 -2.48 11.91
CA MET A 25 18.77 -3.56 12.87
C MET A 25 18.89 -3.04 14.29
N GLY A 26 19.86 -2.15 14.53
CA GLY A 26 20.02 -1.50 15.82
C GLY A 26 18.77 -0.78 16.32
N SER A 27 17.88 -0.41 15.41
CA SER A 27 16.65 0.25 15.85
C SER A 27 15.46 -0.71 15.93
N LYS A 28 15.75 -2.00 15.95
CA LYS A 28 14.74 -3.00 16.26
C LYS A 28 14.46 -2.92 17.76
N ASN A 29 15.47 -2.50 18.52
CA ASN A 29 15.37 -2.41 19.98
C ASN A 29 15.24 -0.96 20.46
N HIS A 30 16.29 -0.16 20.26
CA HIS A 30 16.26 1.26 20.61
C HIS A 30 16.16 2.16 19.38
N GLU A 31 15.37 3.23 19.49
CA GLU A 31 15.14 4.11 18.36
C GLU A 31 16.35 4.98 18.06
N ILE A 32 17.01 5.48 19.10
CA ILE A 32 18.24 6.23 18.94
C ILE A 32 19.45 5.30 19.18
N VAL A 33 20.11 4.91 18.09
CA VAL A 33 21.16 3.88 18.12
C VAL A 33 22.55 4.47 18.35
N PRO A 34 23.20 4.07 19.45
CA PRO A 34 24.53 4.60 19.74
C PRO A 34 25.59 4.16 18.72
N THR A 35 26.55 5.05 18.46
CA THR A 35 27.70 4.77 17.60
C THR A 35 28.37 3.40 17.85
N PRO A 36 28.61 3.03 19.12
CA PRO A 36 29.23 1.72 19.35
C PRO A 36 28.34 0.52 18.97
N LEU A 37 27.03 0.68 19.05
CA LEU A 37 26.12 -0.40 18.67
C LEU A 37 26.08 -0.63 17.15
N ILE A 38 26.17 0.44 16.36
CA ILE A 38 26.30 0.34 14.91
C ILE A 38 27.53 -0.53 14.59
N GLU A 39 28.59 -0.30 15.35
CA GLU A 39 29.85 -1.01 15.17
C GLU A 39 29.70 -2.53 15.34
N LYS A 40 29.17 -2.95 16.49
CA LYS A 40 28.88 -4.37 16.75
C LYS A 40 28.00 -5.00 15.65
N ILE A 41 26.98 -4.28 15.22
CA ILE A 41 26.12 -4.73 14.13
C ILE A 41 26.81 -4.42 12.82
N GLY A 50 36.42 0.61 11.17
CA GLY A 50 36.09 1.98 10.84
C GLY A 50 34.83 2.06 10.00
N VAL A 51 33.72 2.40 10.64
CA VAL A 51 32.44 2.59 9.97
C VAL A 51 32.00 4.03 10.18
N HIS A 52 32.93 4.84 10.69
CA HIS A 52 32.69 6.26 10.96
C HIS A 52 32.53 7.04 9.66
N LYS A 53 33.28 6.67 8.63
CA LYS A 53 33.20 7.38 7.36
C LYS A 53 31.86 7.11 6.68
N SER A 54 31.31 5.93 6.97
CA SER A 54 29.97 5.56 6.50
C SER A 54 28.88 6.35 7.22
N ILE A 55 29.00 6.50 8.54
CA ILE A 55 28.03 7.29 9.29
C ILE A 55 27.98 8.72 8.74
N ALA A 56 29.14 9.27 8.39
CA ALA A 56 29.20 10.60 7.80
C ALA A 56 28.52 10.71 6.43
N THR A 57 28.77 9.73 5.56
CA THR A 57 28.17 9.72 4.24
C THR A 57 26.63 9.63 4.36
N LEU A 58 26.17 8.66 5.13
CA LEU A 58 24.74 8.40 5.31
C LEU A 58 24.02 9.58 5.96
N ALA A 59 24.70 10.26 6.88
CA ALA A 59 24.11 11.41 7.57
C ALA A 59 23.97 12.63 6.65
N LYS A 60 24.98 12.88 5.82
CA LYS A 60 24.93 13.99 4.86
C LYS A 60 23.86 13.71 3.82
N ALA A 61 23.75 12.45 3.43
CA ALA A 61 22.73 12.04 2.47
C ALA A 61 21.33 12.04 3.10
N GLY A 62 21.26 12.31 4.40
CA GLY A 62 19.98 12.30 5.08
C GLY A 62 19.35 10.92 5.19
N LEU A 63 20.16 9.88 5.24
CA LEU A 63 19.64 8.53 5.37
C LEU A 63 19.59 8.15 6.85
N ILE A 64 20.40 8.83 7.65
CA ILE A 64 20.29 8.77 9.11
C ILE A 64 20.40 10.18 9.70
N ALA A 65 20.06 10.31 10.98
CA ALA A 65 20.15 11.60 11.65
C ALA A 65 20.63 11.45 13.10
N ARG A 66 21.58 12.29 13.48
CA ARG A 66 22.09 12.25 14.84
C ARG A 66 21.09 12.87 15.81
N MET A 67 20.86 12.21 16.93
CA MET A 67 20.11 12.80 18.03
C MET A 67 20.99 12.88 19.28
N LYS A 68 21.44 14.09 19.59
CA LYS A 68 22.12 14.36 20.86
C LYS A 68 21.23 15.28 21.67
N GLU A 69 20.15 14.72 22.23
CA GLU A 69 19.14 15.51 22.91
C GLU A 69 19.57 15.96 24.32
N ALA A 70 19.90 15.01 25.18
CA ALA A 70 20.31 15.30 26.55
C ALA A 70 20.70 14.01 27.26
N LYS A 71 19.71 13.13 27.41
CA LYS A 71 19.92 11.80 27.95
C LYS A 71 20.39 10.85 26.88
N TYR A 72 19.90 11.03 25.65
CA TYR A 72 20.15 10.06 24.58
C TYR A 72 21.02 10.58 23.44
N ASP A 73 21.87 9.69 22.92
CA ASP A 73 22.94 10.09 22.04
C ASP A 73 23.24 9.02 21.00
N GLY A 74 22.93 9.30 19.74
CA GLY A 74 23.21 8.35 18.67
C GLY A 74 22.56 8.68 17.33
N TYR A 75 22.30 7.63 16.57
CA TYR A 75 21.71 7.81 15.24
C TYR A 75 20.39 7.07 15.02
N ARG A 76 19.37 7.83 14.67
CA ARG A 76 18.10 7.27 14.25
C ARG A 76 18.09 7.10 12.74
N LEU A 77 17.45 6.03 12.29
CA LEU A 77 17.20 5.85 10.87
C LEU A 77 16.18 6.88 10.42
N THR A 78 16.42 7.53 9.29
CA THR A 78 15.37 8.37 8.67
C THR A 78 14.51 7.59 7.68
N TYR A 79 13.34 8.16 7.36
CA TYR A 79 12.44 7.63 6.34
C TYR A 79 13.14 7.40 5.01
N GLY A 80 13.98 8.36 4.60
CA GLY A 80 14.77 8.21 3.39
C GLY A 80 15.65 6.97 3.43
N GLY A 81 16.25 6.73 4.60
CA GLY A 81 17.12 5.59 4.82
C GLY A 81 16.38 4.28 4.72
N LEU A 82 15.14 4.24 5.22
CA LEU A 82 14.29 3.05 5.13
C LEU A 82 13.89 2.83 3.66
N ASP A 83 13.56 3.92 2.96
CA ASP A 83 13.34 3.86 1.50
C ASP A 83 14.54 3.25 0.76
N TYR A 84 15.75 3.76 1.03
CA TYR A 84 16.96 3.31 0.35
C TYR A 84 17.20 1.82 0.54
N LEU A 85 17.14 1.36 1.79
CA LEU A 85 17.32 -0.04 2.13
C LEU A 85 16.27 -0.93 1.44
N ALA A 86 15.03 -0.44 1.33
CA ALA A 86 14.00 -1.18 0.59
C ALA A 86 14.41 -1.30 -0.89
N LEU A 87 14.79 -0.17 -1.48
CA LEU A 87 15.19 -0.11 -2.88
C LEU A 87 16.40 -1.00 -3.17
N HIS A 88 17.41 -0.90 -2.32
CA HIS A 88 18.58 -1.73 -2.42
C HIS A 88 18.24 -3.24 -2.41
N THR A 89 17.31 -3.64 -1.55
CA THR A 89 16.90 -5.04 -1.50
C THR A 89 16.23 -5.42 -2.82
N HIS A 90 15.34 -4.57 -3.32
CA HIS A 90 14.73 -4.76 -4.64
C HIS A 90 15.75 -4.81 -5.79
N ALA A 91 16.83 -4.04 -5.65
CA ALA A 91 17.90 -4.04 -6.65
C ALA A 91 18.66 -5.35 -6.59
N ALA A 92 19.15 -5.68 -5.39
CA ALA A 92 19.88 -6.92 -5.14
C ALA A 92 19.15 -8.15 -5.67
N ARG A 93 17.81 -8.16 -5.57
CA ARG A 93 17.04 -9.31 -6.04
C ARG A 93 16.62 -9.14 -7.49
N LYS A 94 17.18 -8.12 -8.13
CA LYS A 94 16.93 -7.81 -9.54
C LYS A 94 15.46 -7.61 -9.89
N ASP A 95 14.66 -7.14 -8.92
CA ASP A 95 13.27 -6.84 -9.21
C ASP A 95 13.14 -5.43 -9.73
N VAL A 96 14.01 -4.55 -9.25
CA VAL A 96 14.11 -3.17 -9.70
C VAL A 96 15.54 -2.87 -10.15
N TYR A 97 15.68 -2.37 -11.37
CA TYR A 97 17.01 -2.02 -11.89
C TYR A 97 17.14 -0.50 -12.08
N SER A 98 16.03 0.15 -12.44
CA SER A 98 16.02 1.61 -12.53
C SER A 98 14.73 2.23 -11.98
N VAL A 99 14.82 3.50 -11.63
CA VAL A 99 13.71 4.22 -11.06
C VAL A 99 13.26 5.32 -12.01
N GLY A 100 11.94 5.48 -12.14
CA GLY A 100 11.39 6.38 -13.14
C GLY A 100 11.30 7.81 -12.65
N SER A 101 11.23 8.76 -13.57
CA SER A 101 11.09 10.16 -13.20
C SER A 101 9.70 10.48 -12.64
N ARG A 102 8.69 9.75 -13.10
CA ARG A 102 7.32 9.97 -12.62
C ARG A 102 7.02 9.34 -11.25
N ILE A 103 6.49 10.16 -10.35
CA ILE A 103 6.20 9.77 -8.97
C ILE A 103 4.81 10.25 -8.51
N GLY A 104 4.10 9.42 -7.75
CA GLY A 104 2.80 9.80 -7.25
C GLY A 104 2.85 10.00 -5.75
N VAL A 105 2.53 11.19 -5.29
CA VAL A 105 2.53 11.45 -3.86
C VAL A 105 1.08 11.44 -3.35
N GLY A 106 0.71 10.35 -2.68
CA GLY A 106 -0.61 10.20 -2.11
C GLY A 106 -0.68 10.62 -0.63
N LYS A 107 -1.89 10.57 -0.08
CA LYS A 107 -2.10 10.99 1.28
C LYS A 107 -1.55 9.96 2.26
N GLU A 108 -1.62 8.70 1.87
CA GLU A 108 -1.19 7.61 2.73
C GLU A 108 -0.14 6.69 2.10
N SER A 109 0.28 7.02 0.87
CA SER A 109 1.31 6.25 0.18
C SER A 109 1.97 7.05 -0.94
N ASP A 110 3.07 6.53 -1.46
CA ASP A 110 3.70 7.10 -2.62
C ASP A 110 3.81 6.05 -3.72
N ILE A 111 3.77 6.52 -4.97
CA ILE A 111 3.88 5.65 -6.14
C ILE A 111 5.05 6.06 -7.02
N MET A 112 5.97 5.12 -7.25
CA MET A 112 7.08 5.32 -8.17
C MET A 112 6.98 4.32 -9.33
N ILE A 113 7.32 4.75 -10.55
CA ILE A 113 7.44 3.79 -11.63
C ILE A 113 8.88 3.29 -11.71
N VAL A 114 9.05 1.98 -11.76
CA VAL A 114 10.39 1.40 -11.81
C VAL A 114 10.52 0.49 -13.04
N ALA A 115 11.73 0.09 -13.35
CA ALA A 115 11.90 -0.89 -14.41
C ALA A 115 12.97 -1.93 -14.06
N ASP A 116 12.76 -3.18 -14.47
CA ASP A 116 13.78 -4.22 -14.24
C ASP A 116 14.87 -4.15 -15.30
N GLU A 117 15.83 -5.06 -15.24
CA GLU A 117 16.95 -5.05 -16.18
C GLU A 117 16.49 -5.40 -17.60
N LYS A 118 15.40 -6.16 -17.71
CA LYS A 118 14.87 -6.47 -19.03
C LYS A 118 14.00 -5.35 -19.61
N GLY A 119 13.91 -4.22 -18.91
CA GLY A 119 13.18 -3.07 -19.41
C GLY A 119 11.68 -3.09 -19.13
N LYS A 120 11.22 -4.07 -18.35
CA LYS A 120 9.81 -4.18 -17.97
C LYS A 120 9.44 -3.22 -16.83
N GLN A 121 8.48 -2.35 -17.09
CA GLN A 121 8.04 -1.33 -16.15
C GLN A 121 7.11 -1.92 -15.09
N LYS A 122 7.33 -1.53 -13.84
CA LYS A 122 6.54 -2.01 -12.72
C LYS A 122 6.23 -0.85 -11.74
N VAL A 123 5.43 -1.17 -10.72
CA VAL A 123 5.04 -0.18 -9.71
C VAL A 123 5.66 -0.46 -8.36
N LEU A 124 6.25 0.56 -7.77
CA LEU A 124 6.77 0.48 -6.42
C LEU A 124 5.86 1.35 -5.57
N LYS A 125 5.11 0.71 -4.67
CA LYS A 125 4.26 1.44 -3.76
C LYS A 125 4.93 1.53 -2.39
N ILE A 126 4.97 2.75 -1.83
CA ILE A 126 5.58 2.97 -0.54
C ILE A 126 4.53 3.46 0.43
N HIS A 127 4.33 2.71 1.52
CA HIS A 127 3.39 3.13 2.55
C HIS A 127 3.97 4.27 3.35
N ARG A 128 3.07 5.17 3.77
CA ARG A 128 3.43 6.42 4.38
C ARG A 128 2.45 6.77 5.49
N LEU A 129 2.08 5.77 6.27
CA LEU A 129 1.20 5.98 7.39
C LEU A 129 1.81 7.01 8.30
N GLY A 130 0.97 7.94 8.75
CA GLY A 130 1.39 8.98 9.67
C GLY A 130 1.69 10.29 8.96
N ARG A 131 1.67 10.27 7.62
CA ARG A 131 1.91 11.49 6.83
C ARG A 131 0.91 12.61 7.13
N ILE A 132 1.42 13.83 7.26
CA ILE A 132 0.56 14.98 7.42
C ILE A 132 1.26 16.13 6.69
N SER A 133 0.50 17.00 6.01
CA SER A 133 1.08 18.21 5.45
C SER A 133 0.56 19.45 6.14
N PHE A 134 1.46 20.41 6.33
CA PHE A 134 1.11 21.65 6.99
C PHE A 134 1.01 22.85 6.01
N ARG A 135 -0.01 23.68 6.18
CA ARG A 135 -0.25 24.83 5.31
C ARG A 135 -0.12 26.12 6.10
N THR A 136 0.75 27.01 5.63
CA THR A 136 1.04 28.23 6.39
C THR A 136 -0.23 29.05 6.54
N VAL A 137 -0.27 29.87 7.57
CA VAL A 137 -1.46 30.64 7.90
C VAL A 137 -1.24 32.16 7.70
N LYS A 138 0.00 32.60 7.81
CA LYS A 138 0.45 34.00 7.53
C LYS A 138 -0.54 35.11 7.84
N ARG A 141 3.99 16.51 3.51
CA ARG A 141 5.06 17.16 4.26
C ARG A 141 5.67 16.27 5.36
N ASP A 142 5.27 16.51 6.60
N ASP A 142 5.33 16.54 6.62
CA ASP A 142 5.89 15.86 7.74
CA ASP A 142 5.95 15.85 7.76
C ASP A 142 5.08 14.65 8.22
C ASP A 142 5.15 14.63 8.20
N TYR A 143 5.37 14.19 9.43
CA TYR A 143 4.68 13.05 9.98
C TYR A 143 4.13 13.40 11.35
N LEU A 144 2.97 12.84 11.67
CA LEU A 144 2.30 13.13 12.92
C LEU A 144 3.15 12.68 14.11
N ARG A 145 3.54 13.65 14.94
CA ARG A 145 4.45 13.45 16.07
C ARG A 145 3.83 12.76 17.31
N ASN A 146 2.59 12.28 17.21
CA ASN A 146 1.99 11.55 18.34
C ASN A 146 2.51 10.11 18.44
N ARG A 147 3.35 9.72 17.48
CA ARG A 147 4.06 8.44 17.51
C ARG A 147 5.50 8.70 17.13
N SER A 148 6.43 7.88 17.61
CA SER A 148 7.83 8.00 17.18
C SER A 148 8.03 7.60 15.71
N THR A 149 9.20 7.94 15.17
CA THR A 149 9.56 7.62 13.78
C THR A 149 9.53 6.12 13.54
N GLY A 150 10.04 5.35 14.50
CA GLY A 150 10.07 3.90 14.40
C GLY A 150 8.72 3.22 14.47
N SER A 151 7.74 3.84 15.13
CA SER A 151 6.36 3.38 15.12
C SER A 151 5.76 3.47 13.72
N TRP A 152 5.88 4.63 13.10
CA TRP A 152 5.34 4.83 11.76
C TRP A 152 5.98 3.88 10.75
N MET A 153 7.29 3.70 10.83
CA MET A 153 7.98 2.73 10.00
C MET A 153 7.46 1.32 10.27
N TYR A 154 7.35 0.96 11.55
CA TYR A 154 6.77 -0.32 11.91
C TYR A 154 5.38 -0.55 11.32
N LEU A 155 4.48 0.44 11.52
CA LEU A 155 3.11 0.35 11.06
C LEU A 155 3.10 0.25 9.54
N SER A 156 3.92 1.08 8.89
CA SER A 156 4.02 1.06 7.43
C SER A 156 4.52 -0.27 6.88
N ARG A 157 5.46 -0.91 7.61
CA ARG A 157 5.90 -2.29 7.31
CA ARG A 157 5.89 -2.27 7.29
C ARG A 157 4.69 -3.22 7.37
N LEU A 158 3.91 -3.07 8.43
CA LEU A 158 2.74 -3.95 8.58
C LEU A 158 1.75 -3.78 7.42
N ALA A 159 1.55 -2.54 6.99
CA ALA A 159 0.63 -2.24 5.90
C ALA A 159 1.10 -2.86 4.60
N ALA A 160 2.42 -2.84 4.37
CA ALA A 160 3.00 -3.40 3.15
C ALA A 160 2.88 -4.93 3.13
N ILE A 161 3.08 -5.55 4.29
CA ILE A 161 3.03 -7.01 4.40
C ILE A 161 1.59 -7.47 4.28
N LYS A 162 0.68 -6.69 4.86
CA LYS A 162 -0.72 -7.08 4.78
C LYS A 162 -1.21 -7.01 3.35
N GLU A 163 -0.91 -5.90 2.67
CA GLU A 163 -1.41 -5.66 1.33
C GLU A 163 -0.89 -6.71 0.39
N PHE A 164 0.38 -7.07 0.57
CA PHE A 164 1.01 -7.96 -0.34
C PHE A 164 0.45 -9.37 -0.17
N ALA A 165 0.18 -9.78 1.07
CA ALA A 165 -0.38 -11.12 1.29
C ALA A 165 -1.81 -11.21 0.71
N PHE A 166 -2.62 -10.18 0.92
CA PHE A 166 -3.96 -10.14 0.33
C PHE A 166 -3.91 -10.04 -1.20
N MET A 167 -2.90 -9.33 -1.71
CA MET A 167 -2.75 -9.20 -3.17
C MET A 167 -2.42 -10.56 -3.73
N LYS A 168 -1.56 -11.30 -3.04
CA LYS A 168 -1.19 -12.65 -3.45
C LYS A 168 -2.42 -13.56 -3.44
N ALA A 169 -3.15 -13.55 -2.32
CA ALA A 169 -4.31 -14.41 -2.18
C ALA A 169 -5.41 -14.11 -3.22
N LEU A 170 -5.60 -12.83 -3.54
CA LEU A 170 -6.61 -12.40 -4.52
C LEU A 170 -6.19 -12.68 -5.96
N TYR A 171 -4.92 -12.47 -6.25
CA TYR A 171 -4.38 -12.75 -7.57
C TYR A 171 -4.52 -14.25 -7.82
N GLU A 172 -4.19 -15.05 -6.83
CA GLU A 172 -4.23 -16.50 -7.00
C GLU A 172 -5.65 -17.07 -7.15
N GLU A 173 -6.65 -16.39 -6.59
CA GLU A 173 -8.04 -16.82 -6.79
C GLU A 173 -8.68 -16.21 -8.06
N GLY A 174 -7.92 -15.45 -8.82
CA GLY A 174 -8.44 -14.91 -10.07
C GLY A 174 -9.19 -13.60 -9.99
N PHE A 175 -9.08 -12.89 -8.87
CA PHE A 175 -9.61 -11.52 -8.77
C PHE A 175 -8.80 -10.59 -9.66
N PRO A 176 -9.43 -9.52 -10.18
CA PRO A 176 -8.72 -8.54 -11.03
C PRO A 176 -7.95 -7.54 -10.16
N VAL A 177 -6.72 -7.89 -9.82
CA VAL A 177 -5.86 -7.09 -8.97
C VAL A 177 -4.49 -7.11 -9.62
N PRO A 178 -3.61 -6.13 -9.28
CA PRO A 178 -2.25 -6.14 -9.86
C PRO A 178 -1.44 -7.35 -9.39
N GLU A 179 -0.53 -7.83 -10.25
CA GLU A 179 0.32 -8.94 -9.85
C GLU A 179 1.27 -8.52 -8.73
N PRO A 180 1.18 -9.18 -7.58
CA PRO A 180 2.18 -8.86 -6.56
C PRO A 180 3.50 -9.48 -7.01
N ILE A 181 4.58 -8.70 -6.97
CA ILE A 181 5.86 -9.19 -7.44
C ILE A 181 6.84 -9.34 -6.27
N ALA A 182 6.93 -8.35 -5.40
CA ALA A 182 7.87 -8.43 -4.30
C ALA A 182 7.48 -7.45 -3.22
N GLN A 183 8.06 -7.66 -2.04
CA GLN A 183 7.72 -6.87 -0.85
C GLN A 183 9.00 -6.76 -0.01
N SER A 184 9.36 -5.55 0.41
CA SER A 184 10.42 -5.40 1.41
C SER A 184 10.13 -4.21 2.30
N ARG A 185 10.08 -4.45 3.60
CA ARG A 185 9.81 -3.39 4.57
C ARG A 185 8.45 -2.72 4.36
N HIS A 186 8.47 -1.42 4.10
CA HIS A 186 7.24 -0.64 3.89
C HIS A 186 6.81 -0.56 2.41
N THR A 187 7.40 -1.40 1.57
CA THR A 187 7.22 -1.26 0.12
C THR A 187 6.73 -2.53 -0.53
N ILE A 188 6.14 -2.36 -1.72
CA ILE A 188 5.70 -3.45 -2.58
C ILE A 188 6.01 -3.06 -4.02
N VAL A 189 6.54 -4.04 -4.77
CA VAL A 189 6.63 -3.98 -6.21
C VAL A 189 5.53 -4.86 -6.80
N MET A 190 4.79 -4.32 -7.75
CA MET A 190 3.63 -5.02 -8.31
C MET A 190 3.59 -4.66 -9.78
N SER A 191 2.84 -5.42 -10.57
CA SER A 191 2.77 -5.15 -12.01
C SER A 191 2.15 -3.78 -12.31
N LEU A 192 2.49 -3.23 -13.47
CA LEU A 192 1.96 -1.93 -13.87
C LEU A 192 0.78 -2.16 -14.79
N VAL A 193 -0.40 -1.94 -14.24
CA VAL A 193 -1.65 -2.24 -14.93
C VAL A 193 -1.97 -1.17 -15.98
N ASP A 194 -2.42 -1.59 -17.15
CA ASP A 194 -2.91 -0.64 -18.16
C ASP A 194 -4.41 -0.41 -17.98
N ALA A 195 -4.72 0.53 -17.10
CA ALA A 195 -6.08 0.89 -16.74
C ALA A 195 -5.94 2.19 -15.98
N LEU A 196 -6.99 3.01 -16.02
CA LEU A 196 -6.93 4.33 -15.44
C LEU A 196 -7.99 4.44 -14.35
N PRO A 197 -7.71 5.24 -13.30
CA PRO A 197 -8.63 5.37 -12.16
C PRO A 197 -9.98 5.80 -12.68
N MET A 198 -11.04 5.26 -12.08
CA MET A 198 -12.40 5.55 -12.51
C MET A 198 -12.73 7.04 -12.38
N ARG A 199 -12.20 7.68 -11.34
CA ARG A 199 -12.53 9.09 -11.14
C ARG A 199 -12.14 9.93 -12.36
N GLN A 200 -11.09 9.52 -13.05
CA GLN A 200 -10.69 10.25 -14.24
C GLN A 200 -11.31 9.67 -15.51
N VAL A 201 -12.38 8.89 -15.37
CA VAL A 201 -13.12 8.43 -16.55
C VAL A 201 -14.40 9.26 -16.75
N SER A 202 -14.57 9.74 -17.98
CA SER A 202 -15.60 10.73 -18.30
C SER A 202 -16.99 10.15 -18.31
N SER A 203 -17.20 9.15 -19.16
CA SER A 203 -18.48 8.50 -19.30
C SER A 203 -18.30 7.05 -19.78
N VAL A 204 -19.39 6.29 -19.75
CA VAL A 204 -19.37 4.87 -20.06
C VAL A 204 -20.57 4.51 -20.95
N PRO A 205 -20.32 3.72 -22.02
CA PRO A 205 -21.37 3.28 -22.93
C PRO A 205 -22.48 2.49 -22.23
N ASP A 206 -22.12 1.73 -21.19
CA ASP A 206 -23.10 0.93 -20.47
C ASP A 206 -22.85 0.89 -18.95
N PRO A 207 -23.21 1.98 -18.25
CA PRO A 207 -23.05 2.08 -16.79
C PRO A 207 -23.69 0.92 -15.99
N ALA A 208 -24.81 0.38 -16.46
CA ALA A 208 -25.46 -0.71 -15.74
C ALA A 208 -24.58 -1.96 -15.66
N SER A 209 -23.99 -2.33 -16.80
CA SER A 209 -23.09 -3.49 -16.89
C SER A 209 -21.86 -3.35 -16.01
N LEU A 210 -21.25 -2.16 -16.03
CA LEU A 210 -20.07 -1.88 -15.22
C LEU A 210 -20.42 -1.91 -13.74
N TYR A 211 -21.57 -1.33 -13.41
CA TYR A 211 -22.07 -1.36 -12.05
C TYR A 211 -22.29 -2.81 -11.62
N ALA A 212 -22.94 -3.59 -12.48
CA ALA A 212 -23.17 -5.01 -12.21
C ALA A 212 -21.86 -5.77 -11.98
N ASP A 213 -20.81 -5.32 -12.64
CA ASP A 213 -19.49 -5.94 -12.47
C ASP A 213 -18.89 -5.56 -11.12
N LEU A 214 -19.01 -4.28 -10.74
CA LEU A 214 -18.48 -3.82 -9.47
C LEU A 214 -19.14 -4.47 -8.28
N ILE A 215 -20.46 -4.59 -8.31
CA ILE A 215 -21.19 -5.19 -7.21
C ILE A 215 -20.84 -6.66 -7.10
N ALA A 216 -20.70 -7.30 -8.25
CA ALA A 216 -20.27 -8.69 -8.31
C ALA A 216 -18.92 -8.92 -7.60
N LEU A 217 -17.99 -8.00 -7.83
CA LEU A 217 -16.70 -8.04 -7.14
C LEU A 217 -16.85 -7.99 -5.63
N ILE A 218 -17.70 -7.06 -5.16
CA ILE A 218 -17.93 -6.91 -3.73
C ILE A 218 -18.53 -8.18 -3.16
N LEU A 219 -19.41 -8.82 -3.91
CA LEU A 219 -20.01 -10.07 -3.45
C LEU A 219 -18.99 -11.20 -3.54
N ARG A 220 -18.12 -11.15 -4.54
CA ARG A 220 -17.05 -12.14 -4.64
C ARG A 220 -16.09 -12.01 -3.47
N LEU A 221 -15.70 -10.79 -3.16
CA LEU A 221 -14.88 -10.52 -1.99
C LEU A 221 -15.52 -11.06 -0.71
N ALA A 222 -16.84 -10.87 -0.59
CA ALA A 222 -17.53 -11.25 0.63
C ALA A 222 -17.67 -12.76 0.77
N LYS A 223 -17.91 -13.44 -0.35
CA LYS A 223 -17.99 -14.90 -0.30
C LYS A 223 -16.63 -15.52 0.08
N HIS A 224 -15.54 -14.82 -0.26
CA HIS A 224 -14.21 -15.22 0.18
C HIS A 224 -13.80 -14.66 1.54
N GLY A 225 -14.73 -13.97 2.21
CA GLY A 225 -14.46 -13.47 3.56
C GLY A 225 -13.92 -12.05 3.68
N LEU A 226 -13.90 -11.30 2.57
CA LEU A 226 -13.26 -9.98 2.58
C LEU A 226 -14.17 -8.79 2.37
N ILE A 227 -13.83 -7.70 3.05
CA ILE A 227 -14.41 -6.39 2.78
C ILE A 227 -13.26 -5.42 2.52
N HIS A 228 -13.24 -4.86 1.32
CA HIS A 228 -12.23 -3.89 0.93
C HIS A 228 -12.16 -2.73 1.94
N GLY A 229 -13.28 -2.05 2.13
CA GLY A 229 -13.37 -1.07 3.19
C GLY A 229 -13.22 0.38 2.74
N ASP A 230 -12.49 0.61 1.66
CA ASP A 230 -12.23 1.97 1.22
C ASP A 230 -12.30 2.04 -0.29
N PHE A 231 -13.26 1.29 -0.83
CA PHE A 231 -13.63 1.24 -2.25
C PHE A 231 -13.91 2.58 -2.91
N ASN A 232 -13.06 3.59 -2.71
CA ASN A 232 -13.23 4.85 -3.43
C ASN A 232 -13.01 4.72 -4.95
N GLU A 233 -12.85 5.84 -5.64
CA GLU A 233 -12.68 5.81 -7.09
C GLU A 233 -11.25 6.18 -7.54
N PHE A 234 -10.32 6.00 -6.62
CA PHE A 234 -8.91 6.06 -6.95
C PHE A 234 -8.46 4.62 -6.82
N ASN A 235 -9.38 3.82 -6.31
CA ASN A 235 -9.17 2.42 -5.94
C ASN A 235 -9.74 1.47 -7.01
N ILE A 236 -10.59 2.02 -7.85
CA ILE A 236 -11.22 1.24 -8.89
C ILE A 236 -10.68 1.73 -10.25
N LEU A 237 -9.89 0.88 -10.89
CA LEU A 237 -9.30 1.17 -12.20
C LEU A 237 -10.14 0.51 -13.26
N ILE A 238 -10.26 1.15 -14.41
CA ILE A 238 -11.07 0.62 -15.50
C ILE A 238 -10.15 0.24 -16.64
N ARG A 239 -10.30 -0.99 -17.16
CA ARG A 239 -9.50 -1.41 -18.29
C ARG A 239 -10.36 -1.31 -19.55
N GLU A 240 -9.79 -0.76 -20.62
CA GLU A 240 -10.57 -0.52 -21.82
C GLU A 240 -10.11 -1.34 -23.01
N GLU A 241 -10.91 -2.34 -23.38
CA GLU A 241 -10.56 -3.25 -24.47
C GLU A 241 -11.32 -2.95 -25.76
N LYS A 242 -10.58 -2.49 -26.76
CA LYS A 242 -11.14 -2.31 -28.09
C LYS A 242 -11.40 -3.68 -28.71
N ASP A 243 -12.67 -4.07 -28.78
CA ASP A 243 -13.04 -5.40 -29.31
C ASP A 243 -12.48 -5.59 -30.73
N ALA A 244 -12.11 -6.84 -31.05
CA ALA A 244 -11.48 -7.15 -32.34
C ALA A 244 -12.49 -7.28 -33.49
N GLU A 245 -13.66 -7.89 -33.22
CA GLU A 245 -14.70 -8.07 -34.24
C GLU A 245 -15.20 -6.72 -34.79
N ASP A 246 -15.35 -5.75 -33.88
CA ASP A 246 -15.58 -4.34 -34.24
C ASP A 246 -14.83 -3.47 -33.24
N PRO A 247 -13.88 -2.66 -33.74
CA PRO A 247 -13.16 -1.71 -32.88
C PRO A 247 -14.04 -0.58 -32.34
N SER A 248 -15.30 -0.51 -32.78
CA SER A 248 -16.25 0.47 -32.26
C SER A 248 -16.83 0.01 -30.92
N SER A 249 -16.84 -1.30 -30.71
CA SER A 249 -17.24 -1.89 -29.44
C SER A 249 -16.15 -1.70 -28.40
N ILE A 250 -16.55 -1.26 -27.21
CA ILE A 250 -15.62 -1.11 -26.10
C ILE A 250 -16.15 -1.86 -24.91
N THR A 251 -15.36 -2.78 -24.39
CA THR A 251 -15.69 -3.41 -23.12
C THR A 251 -14.76 -2.88 -22.05
N LEU A 252 -15.34 -2.63 -20.89
CA LEU A 252 -14.59 -2.11 -19.77
C LEU A 252 -14.66 -3.16 -18.70
N THR A 253 -13.55 -3.35 -18.01
CA THR A 253 -13.49 -4.26 -16.88
C THR A 253 -12.77 -3.58 -15.73
N PRO A 254 -13.24 -3.81 -14.50
CA PRO A 254 -12.65 -3.11 -13.36
C PRO A 254 -11.45 -3.83 -12.75
N ILE A 255 -10.53 -3.05 -12.21
CA ILE A 255 -9.38 -3.58 -11.51
C ILE A 255 -9.29 -2.89 -10.14
N ILE A 256 -9.13 -3.68 -9.10
CA ILE A 256 -9.17 -3.18 -7.73
C ILE A 256 -7.74 -2.99 -7.24
N ILE A 257 -7.49 -1.89 -6.53
CA ILE A 257 -6.22 -1.75 -5.81
C ILE A 257 -6.44 -1.28 -4.38
N ASP A 258 -5.36 -1.27 -3.61
CA ASP A 258 -5.32 -0.78 -2.23
C ASP A 258 -5.88 -1.76 -1.22
N PHE A 259 -5.01 -2.56 -0.63
CA PHE A 259 -5.45 -3.64 0.28
C PHE A 259 -5.04 -3.63 1.78
N PRO A 260 -4.24 -2.64 2.26
CA PRO A 260 -3.86 -2.84 3.67
C PRO A 260 -5.03 -2.58 4.65
N GLN A 261 -6.11 -1.96 4.17
CA GLN A 261 -7.26 -1.66 5.01
C GLN A 261 -8.39 -2.72 4.92
N MET A 262 -8.16 -3.83 4.22
CA MET A 262 -9.19 -4.87 4.13
C MET A 262 -9.49 -5.42 5.51
N VAL A 263 -10.75 -5.79 5.74
CA VAL A 263 -11.12 -6.44 6.98
C VAL A 263 -11.93 -7.71 6.70
N SER A 264 -12.00 -8.59 7.70
CA SER A 264 -12.78 -9.81 7.60
C SER A 264 -14.30 -9.54 7.64
N MET A 265 -15.06 -10.33 6.90
CA MET A 265 -16.52 -10.32 7.04
C MET A 265 -16.94 -10.67 8.47
N ASP A 266 -16.01 -11.22 9.25
CA ASP A 266 -16.23 -11.52 10.66
C ASP A 266 -16.01 -10.33 11.59
N HIS A 267 -15.48 -9.23 11.05
CA HIS A 267 -15.14 -8.06 11.84
C HIS A 267 -16.37 -7.53 12.62
N PRO A 268 -16.17 -7.02 13.84
CA PRO A 268 -17.35 -6.57 14.59
C PRO A 268 -18.10 -5.42 13.87
N ASN A 269 -17.38 -4.69 13.04
CA ASN A 269 -17.96 -3.63 12.23
C ASN A 269 -18.17 -4.01 10.76
N ALA A 270 -18.09 -5.30 10.45
CA ALA A 270 -18.16 -5.75 9.05
C ALA A 270 -19.32 -5.10 8.33
N GLU A 271 -20.48 -5.14 8.98
CA GLU A 271 -21.71 -4.65 8.37
C GLU A 271 -21.67 -3.18 7.99
N MET A 272 -21.06 -2.32 8.80
CA MET A 272 -20.96 -0.95 8.34
C MET A 272 -19.90 -0.79 7.22
N TYR A 273 -18.81 -1.56 7.25
CA TYR A 273 -17.82 -1.47 6.17
C TYR A 273 -18.41 -1.99 4.86
N PHE A 274 -19.23 -3.03 4.94
CA PHE A 274 -19.81 -3.62 3.75
C PHE A 274 -20.73 -2.62 3.03
N ASP A 275 -21.76 -2.18 3.74
CA ASP A 275 -22.76 -1.31 3.13
C ASP A 275 -22.17 0.05 2.71
N ARG A 276 -21.17 0.52 3.46
CA ARG A 276 -20.42 1.73 3.11
C ARG A 276 -19.82 1.57 1.70
N ASP A 277 -19.06 0.48 1.51
CA ASP A 277 -18.53 0.11 0.20
C ASP A 277 -19.61 0.14 -0.88
N VAL A 278 -20.74 -0.52 -0.62
CA VAL A 278 -21.85 -0.63 -1.56
C VAL A 278 -22.44 0.74 -1.89
N GLN A 279 -22.62 1.54 -0.83
CA GLN A 279 -23.26 2.84 -0.95
C GLN A 279 -22.33 3.82 -1.63
N CYS A 280 -21.04 3.72 -1.34
CA CYS A 280 -20.04 4.51 -2.06
C CYS A 280 -20.12 4.30 -3.57
N ILE A 281 -20.08 3.03 -3.98
CA ILE A 281 -20.26 2.69 -5.39
C ILE A 281 -21.52 3.36 -5.93
N LYS A 282 -22.65 3.10 -5.28
CA LYS A 282 -23.92 3.67 -5.75
C LYS A 282 -23.79 5.18 -5.80
N ARG A 283 -23.22 5.78 -4.77
CA ARG A 283 -23.09 7.22 -4.74
C ARG A 283 -22.28 7.70 -5.94
N PHE A 284 -21.10 7.11 -6.16
CA PHE A 284 -20.29 7.51 -7.30
C PHE A 284 -21.05 7.34 -8.63
N PHE A 285 -21.71 6.21 -8.80
CA PHE A 285 -22.43 5.96 -10.03
C PHE A 285 -23.58 6.94 -10.16
N GLU A 286 -24.10 7.41 -9.02
CA GLU A 286 -25.18 8.39 -9.01
C GLU A 286 -24.73 9.74 -9.57
N ARG A 287 -23.69 10.31 -8.99
CA ARG A 287 -23.20 11.63 -9.41
C ARG A 287 -22.47 11.61 -10.77
N ARG A 288 -21.47 10.75 -10.90
CA ARG A 288 -20.62 10.75 -12.10
C ARG A 288 -21.30 10.36 -13.42
N PHE A 289 -22.20 9.39 -13.40
CA PHE A 289 -22.84 8.93 -14.63
C PHE A 289 -24.35 9.11 -14.63
N HIS A 290 -24.88 9.77 -13.60
CA HIS A 290 -26.33 9.91 -13.46
C HIS A 290 -27.05 8.58 -13.59
N PHE A 291 -26.39 7.52 -13.13
CA PHE A 291 -26.97 6.18 -13.12
C PHE A 291 -27.31 5.77 -11.71
N VAL A 292 -28.50 5.19 -11.56
CA VAL A 292 -28.94 4.65 -10.30
C VAL A 292 -29.47 3.24 -10.53
N SER A 293 -29.20 2.33 -9.59
CA SER A 293 -29.59 0.94 -9.71
C SER A 293 -31.03 0.70 -9.26
N THR A 294 -31.76 -0.13 -10.00
CA THR A 294 -33.10 -0.52 -9.60
C THR A 294 -33.06 -1.66 -8.59
N THR A 295 -31.95 -2.40 -8.59
CA THR A 295 -31.74 -3.45 -7.61
C THR A 295 -31.44 -2.84 -6.25
N PRO A 296 -32.19 -3.25 -5.21
CA PRO A 296 -31.91 -2.85 -3.83
C PRO A 296 -30.68 -3.56 -3.31
N GLY A 297 -29.91 -2.90 -2.45
CA GLY A 297 -28.72 -3.53 -1.90
C GLY A 297 -27.62 -3.66 -2.93
N PRO A 298 -26.78 -4.69 -2.82
CA PRO A 298 -26.85 -5.83 -1.90
C PRO A 298 -26.62 -5.49 -0.41
N PHE A 299 -27.28 -6.26 0.45
CA PHE A 299 -27.20 -6.01 1.88
C PHE A 299 -26.26 -7.01 2.55
N TYR A 300 -25.62 -6.54 3.63
CA TYR A 300 -24.66 -7.36 4.36
C TYR A 300 -25.34 -8.57 5.01
N LYS A 301 -26.56 -8.38 5.53
CA LYS A 301 -27.27 -9.48 6.17
C LYS A 301 -27.30 -10.69 5.24
N ASP A 302 -27.47 -10.42 3.94
CA ASP A 302 -27.51 -11.45 2.93
C ASP A 302 -26.14 -11.97 2.58
N ALA A 303 -25.22 -11.05 2.31
CA ALA A 303 -23.84 -11.36 1.94
C ALA A 303 -23.21 -12.28 2.96
N LYS A 304 -23.39 -11.96 4.25
CA LYS A 304 -22.81 -12.76 5.33
C LYS A 304 -23.15 -14.26 5.25
N LYS A 305 -24.25 -14.62 4.59
CA LYS A 305 -24.60 -16.04 4.47
C LYS A 305 -23.71 -16.75 3.46
N THR A 306 -23.29 -16.02 2.43
CA THR A 306 -22.44 -16.55 1.36
C THR A 306 -21.02 -16.90 1.81
N VAL A 307 -20.46 -16.12 2.74
CA VAL A 307 -19.18 -16.48 3.31
C VAL A 307 -19.33 -17.69 4.21
N GLY A 308 -18.49 -18.70 4.00
CA GLY A 308 -17.63 -18.80 2.84
C GLY A 308 -18.05 -20.10 2.21
N LYS A 309 -19.16 -20.03 1.47
CA LYS A 309 -19.84 -21.22 0.99
C LYS A 309 -19.35 -21.64 -0.40
N ASP A 310 -19.87 -22.77 -0.87
CA ASP A 310 -19.51 -23.34 -2.16
C ASP A 310 -18.02 -23.72 -2.30
N GLY A 311 -17.33 -23.92 -1.19
CA GLY A 311 -15.90 -24.15 -1.20
C GLY A 311 -15.03 -22.91 -1.45
N ALA A 312 -15.61 -21.70 -1.33
CA ALA A 312 -14.80 -20.49 -1.46
C ALA A 312 -13.76 -20.40 -0.35
N LYS A 313 -12.50 -20.36 -0.74
CA LYS A 313 -11.39 -20.20 0.17
C LYS A 313 -11.62 -18.94 1.03
N ARG A 314 -11.39 -19.01 2.34
CA ARG A 314 -11.41 -17.82 3.19
C ARG A 314 -10.06 -17.06 3.09
N LEU A 315 -10.06 -16.04 2.24
CA LEU A 315 -8.84 -15.33 1.92
C LEU A 315 -8.44 -14.43 3.06
N ASP A 316 -9.39 -14.16 3.97
CA ASP A 316 -9.11 -13.34 5.15
C ASP A 316 -8.27 -14.09 6.19
N ALA A 317 -7.85 -15.31 5.84
CA ALA A 317 -6.94 -16.09 6.65
C ALA A 317 -5.51 -15.90 6.15
N ALA A 318 -5.34 -15.15 5.06
CA ALA A 318 -4.03 -14.97 4.42
C ALA A 318 -3.03 -14.24 5.32
N LEU A 319 -3.54 -13.68 6.42
CA LEU A 319 -2.72 -12.87 7.30
C LEU A 319 -2.04 -13.71 8.38
N GLU A 320 -2.79 -14.63 8.98
CA GLU A 320 -2.24 -15.49 10.01
C GLU A 320 -1.37 -16.52 9.30
N ALA A 321 -1.51 -16.56 7.99
CA ALA A 321 -0.70 -17.44 7.17
C ALA A 321 0.72 -16.90 7.12
N SER A 322 0.88 -15.63 7.46
CA SER A 322 2.17 -14.97 7.29
C SER A 322 2.73 -14.32 8.54
N GLY A 323 2.66 -15.00 9.69
CA GLY A 323 3.29 -14.52 10.90
C GLY A 323 2.77 -13.20 11.47
N PHE A 324 1.61 -12.75 10.98
CA PHE A 324 0.95 -11.63 11.60
C PHE A 324 0.41 -12.08 12.93
N THR A 325 0.96 -11.55 14.03
CA THR A 325 0.35 -11.75 15.34
C THR A 325 -0.96 -10.96 15.47
N LYS A 326 -1.75 -11.31 16.49
CA LYS A 326 -2.98 -10.59 16.80
C LYS A 326 -2.63 -9.14 17.15
N LYS A 327 -1.52 -8.97 17.84
CA LYS A 327 -1.07 -7.65 18.23
C LYS A 327 -0.84 -6.82 16.99
N MET A 328 0.06 -7.29 16.12
CA MET A 328 0.33 -6.62 14.85
C MET A 328 -0.94 -6.27 14.07
N ALA A 329 -1.86 -7.22 13.94
CA ALA A 329 -3.13 -6.97 13.26
C ALA A 329 -3.92 -5.81 13.88
N LYS A 330 -4.07 -5.84 15.21
CA LYS A 330 -4.79 -4.77 15.90
C LYS A 330 -4.02 -3.44 15.89
N ASP A 331 -2.68 -3.52 16.01
CA ASP A 331 -1.81 -2.37 15.88
C ASP A 331 -2.06 -1.63 14.55
N LEU A 332 -2.10 -2.40 13.46
CA LEU A 332 -2.32 -1.84 12.13
C LEU A 332 -3.74 -1.30 11.97
N GLU A 333 -4.72 -2.11 12.36
CA GLU A 333 -6.13 -1.76 12.35
C GLU A 333 -6.41 -0.39 12.97
N ALA A 334 -5.85 -0.13 14.15
CA ALA A 334 -6.04 1.15 14.82
C ALA A 334 -5.40 2.31 14.06
N ALA A 335 -4.23 2.06 13.46
CA ALA A 335 -3.52 3.06 12.70
C ALA A 335 -4.28 3.47 11.44
N ILE A 336 -4.83 2.47 10.74
CA ILE A 336 -5.65 2.72 9.55
C ILE A 336 -6.98 3.45 9.82
N ARG A 337 -7.76 2.95 10.77
CA ARG A 337 -9.01 3.58 11.15
C ARG A 337 -8.78 5.06 11.51
N GLU A 338 -7.68 5.32 12.19
CA GLU A 338 -7.29 6.67 12.58
C GLU A 338 -6.94 7.50 11.34
N GLN A 339 -6.36 6.85 10.35
CA GLN A 339 -6.05 7.49 9.08
C GLN A 339 -7.31 7.92 8.36
N GLN A 340 -8.23 6.98 8.19
CA GLN A 340 -9.42 7.26 7.41
C GLN A 340 -10.35 8.23 8.12
N GLU A 341 -10.31 8.22 9.46
CA GLU A 341 -11.16 9.08 10.29
C GLU A 341 -10.70 10.54 10.33
N SER A 342 -9.49 10.81 9.82
CA SER A 342 -8.91 12.14 9.91
C SER A 342 -8.58 12.77 8.55
N ARG A 343 -9.20 12.26 7.49
CA ARG A 343 -9.05 12.85 6.16
C ARG A 343 -9.73 14.22 6.08
#